data_1TCE
#
_entry.id   1TCE
#
_cell.length_a   1.000
_cell.length_b   1.000
_cell.length_c   1.000
_cell.angle_alpha   90.00
_cell.angle_beta   90.00
_cell.angle_gamma   90.00
#
_symmetry.space_group_name_H-M   'P 1'
#
loop_
_entity.id
_entity.type
_entity.pdbx_description
1 polymer SHC
2 polymer 'PHOSPHOPEPTIDE OF THE ZETA CHAIN OF T CELL RECEPTOR'
#
loop_
_entity_poly.entity_id
_entity_poly.type
_entity_poly.pdbx_seq_one_letter_code
_entity_poly.pdbx_strand_id
1 'polypeptide(L)'
;AEQLRGEPWFHGKLSRREAEALLQLNGDFLVRESTTTPGQYVLTGSQSGQPKHLLLVDPEGVVRTKDHRFESVSHLISYH
MDNHLPIISAGSELCLQQPVERKLLEH
;
A
2 'polypeptide(L)' GHDGL(PTR)QGLSTATK B
#
# COMPACT_ATOMS: atom_id res chain seq x y z
N ALA A 1 -16.81 4.35 -5.23
CA ALA A 1 -16.43 3.56 -6.45
C ALA A 1 -15.95 4.51 -7.55
N GLU A 2 -14.96 5.31 -7.28
CA GLU A 2 -14.46 6.26 -8.32
C GLU A 2 -13.08 6.78 -7.95
N GLN A 3 -12.07 6.39 -8.68
CA GLN A 3 -10.69 6.88 -8.38
C GLN A 3 -10.34 6.60 -6.91
N LEU A 4 -9.23 7.12 -6.45
CA LEU A 4 -8.84 6.90 -5.03
C LEU A 4 -10.00 7.30 -4.11
N ARG A 5 -10.77 8.26 -4.51
CA ARG A 5 -11.90 8.73 -3.65
C ARG A 5 -12.73 7.53 -3.16
N GLY A 6 -13.04 6.60 -4.03
CA GLY A 6 -13.84 5.42 -3.58
C GLY A 6 -13.37 4.15 -4.30
N GLU A 7 -12.11 4.04 -4.58
CA GLU A 7 -11.62 2.80 -5.28
C GLU A 7 -12.01 1.58 -4.44
N PRO A 8 -12.02 0.44 -5.07
CA PRO A 8 -12.40 -0.81 -4.42
C PRO A 8 -11.33 -1.28 -3.41
N TRP A 9 -10.14 -0.74 -3.47
CA TRP A 9 -9.09 -1.19 -2.52
C TRP A 9 -8.64 -0.03 -1.63
N PHE A 10 -8.79 1.19 -2.07
CA PHE A 10 -8.37 2.33 -1.21
C PHE A 10 -9.39 2.51 -0.08
N HIS A 11 -8.99 2.26 1.14
CA HIS A 11 -9.92 2.39 2.28
C HIS A 11 -9.89 3.83 2.83
N GLY A 12 -8.77 4.48 2.78
CA GLY A 12 -8.70 5.86 3.33
C GLY A 12 -7.89 5.86 4.63
N LYS A 13 -7.86 6.96 5.32
CA LYS A 13 -7.09 7.03 6.60
C LYS A 13 -7.51 5.87 7.50
N LEU A 14 -6.74 4.82 7.52
CA LEU A 14 -7.09 3.64 8.37
C LEU A 14 -6.17 3.61 9.59
N SER A 15 -6.45 2.75 10.54
CA SER A 15 -5.60 2.67 11.76
C SER A 15 -4.80 1.37 11.71
N ARG A 16 -3.98 1.14 12.70
CA ARG A 16 -3.16 -0.10 12.71
C ARG A 16 -4.02 -1.29 13.17
N ARG A 17 -5.09 -1.04 13.86
CA ARG A 17 -5.96 -2.16 14.32
C ARG A 17 -6.99 -2.48 13.24
N GLU A 18 -7.57 -1.47 12.64
CA GLU A 18 -8.59 -1.72 11.58
C GLU A 18 -7.91 -2.30 10.34
N ALA A 19 -6.88 -1.65 9.86
CA ALA A 19 -6.16 -2.16 8.66
C ALA A 19 -5.77 -3.62 8.86
N GLU A 20 -5.14 -3.93 9.96
CA GLU A 20 -4.73 -5.34 10.22
C GLU A 20 -5.97 -6.22 10.32
N ALA A 21 -7.07 -5.68 10.77
CA ALA A 21 -8.31 -6.49 10.90
C ALA A 21 -8.84 -6.84 9.50
N LEU A 22 -8.56 -6.03 8.52
CA LEU A 22 -9.04 -6.33 7.14
C LEU A 22 -8.28 -7.52 6.57
N LEU A 23 -7.07 -7.76 7.02
CA LEU A 23 -6.29 -8.90 6.49
C LEU A 23 -6.79 -10.21 7.13
N GLN A 24 -7.82 -10.79 6.58
CA GLN A 24 -8.34 -12.06 7.16
C GLN A 24 -7.67 -13.24 6.47
N LEU A 25 -7.32 -13.10 5.22
CA LEU A 25 -6.65 -14.21 4.50
C LEU A 25 -5.27 -13.76 4.03
N ASN A 26 -4.32 -14.66 3.99
CA ASN A 26 -2.95 -14.27 3.52
C ASN A 26 -3.01 -13.89 2.05
N GLY A 27 -3.14 -12.63 1.74
CA GLY A 27 -3.22 -12.21 0.32
C GLY A 27 -4.08 -10.95 0.18
N ASP A 28 -4.92 -10.68 1.15
CA ASP A 28 -5.78 -9.45 1.06
C ASP A 28 -4.90 -8.21 1.23
N PHE A 29 -5.25 -7.13 0.58
CA PHE A 29 -4.43 -5.89 0.71
C PHE A 29 -5.33 -4.66 0.66
N LEU A 30 -4.76 -3.51 0.90
CA LEU A 30 -5.55 -2.25 0.88
C LEU A 30 -4.60 -1.07 1.07
N VAL A 31 -4.95 0.07 0.55
CA VAL A 31 -4.06 1.25 0.70
C VAL A 31 -4.71 2.24 1.67
N ARG A 32 -3.92 2.97 2.40
CA ARG A 32 -4.50 3.96 3.35
C ARG A 32 -3.61 5.19 3.41
N GLU A 33 -4.00 6.17 4.20
CA GLU A 33 -3.18 7.40 4.30
C GLU A 33 -2.43 7.40 5.64
N SER A 34 -1.13 7.52 5.60
CA SER A 34 -0.34 7.53 6.87
C SER A 34 -0.90 8.61 7.80
N THR A 35 -1.50 8.22 8.89
CA THR A 35 -2.06 9.21 9.84
C THR A 35 -0.93 10.07 10.41
N THR A 36 0.10 9.45 10.93
CA THR A 36 1.23 10.24 11.50
C THR A 36 1.93 11.01 10.39
N THR A 37 1.93 10.48 9.20
CA THR A 37 2.60 11.19 8.07
C THR A 37 1.53 11.74 7.12
N PRO A 38 1.13 12.99 7.33
CA PRO A 38 0.12 13.61 6.48
C PRO A 38 0.69 13.85 5.09
N GLY A 39 0.08 13.26 4.09
CA GLY A 39 0.59 13.44 2.70
C GLY A 39 1.40 12.20 2.31
N GLN A 40 1.01 11.05 2.80
CA GLN A 40 1.74 9.80 2.48
C GLN A 40 0.76 8.66 2.30
N TYR A 41 1.15 7.63 1.60
CA TYR A 41 0.23 6.47 1.40
C TYR A 41 0.89 5.21 1.97
N VAL A 42 0.14 4.17 2.15
CA VAL A 42 0.72 2.92 2.71
C VAL A 42 -0.02 1.71 2.15
N LEU A 43 0.58 0.56 2.20
CA LEU A 43 -0.09 -0.66 1.66
C LEU A 43 -0.06 -1.76 2.73
N THR A 44 -1.16 -1.99 3.38
CA THR A 44 -1.20 -3.05 4.42
C THR A 44 -1.70 -4.35 3.80
N GLY A 45 -0.82 -5.15 3.27
CA GLY A 45 -1.26 -6.44 2.64
C GLY A 45 -0.59 -7.62 3.35
N SER A 46 -1.32 -8.66 3.61
CA SER A 46 -0.72 -9.84 4.29
C SER A 46 -0.06 -10.75 3.25
N GLN A 47 1.13 -11.21 3.51
CA GLN A 47 1.82 -12.10 2.53
C GLN A 47 1.75 -13.54 3.02
N SER A 48 1.73 -13.75 4.31
CA SER A 48 1.66 -15.14 4.85
C SER A 48 1.69 -15.08 6.38
N GLY A 49 0.72 -14.44 6.98
CA GLY A 49 0.70 -14.34 8.46
C GLY A 49 1.67 -13.25 8.93
N GLN A 50 1.91 -12.27 8.10
CA GLN A 50 2.85 -11.19 8.48
C GLN A 50 2.52 -9.92 7.67
N PRO A 51 1.57 -9.16 8.15
CA PRO A 51 1.16 -7.93 7.49
C PRO A 51 2.37 -7.09 7.11
N LYS A 52 2.35 -6.46 5.96
CA LYS A 52 3.50 -5.62 5.54
C LYS A 52 2.99 -4.24 5.13
N HIS A 53 3.45 -3.20 5.77
CA HIS A 53 2.99 -1.83 5.42
C HIS A 53 4.09 -1.11 4.64
N LEU A 54 3.89 -0.86 3.38
CA LEU A 54 4.94 -0.16 2.57
C LEU A 54 4.41 1.22 2.13
N LEU A 55 5.23 2.22 2.18
CA LEU A 55 4.76 3.58 1.76
C LEU A 55 4.70 3.65 0.23
N LEU A 56 3.56 3.95 -0.31
CA LEU A 56 3.43 4.03 -1.79
C LEU A 56 4.18 5.25 -2.33
N VAL A 57 4.46 6.22 -1.49
CA VAL A 57 5.20 7.42 -1.99
C VAL A 57 6.52 7.55 -1.22
N ASP A 58 7.62 7.60 -1.94
CA ASP A 58 8.95 7.72 -1.27
C ASP A 58 9.04 9.09 -0.58
N PRO A 59 10.10 9.29 0.15
CA PRO A 59 10.33 10.55 0.86
C PRO A 59 10.27 11.75 -0.08
N GLU A 60 10.42 11.54 -1.36
CA GLU A 60 10.37 12.69 -2.32
C GLU A 60 9.11 12.59 -3.19
N GLY A 61 8.03 12.14 -2.62
CA GLY A 61 6.76 12.02 -3.39
C GLY A 61 7.01 11.28 -4.71
N VAL A 62 7.27 10.01 -4.67
CA VAL A 62 7.51 9.25 -5.93
C VAL A 62 7.22 7.76 -5.72
N VAL A 63 6.15 7.27 -6.29
CA VAL A 63 5.82 5.83 -6.13
C VAL A 63 6.66 5.01 -7.12
N ARG A 64 7.30 3.97 -6.65
CA ARG A 64 8.13 3.14 -7.58
C ARG A 64 8.41 1.79 -6.94
N THR A 65 9.20 0.98 -7.59
CA THR A 65 9.51 -0.36 -7.02
C THR A 65 11.02 -0.62 -7.13
N LYS A 66 11.43 -1.86 -7.07
CA LYS A 66 12.88 -2.17 -7.17
C LYS A 66 13.45 -1.55 -8.45
N ASP A 67 12.63 -1.37 -9.46
CA ASP A 67 13.14 -0.77 -10.72
C ASP A 67 11.95 -0.37 -11.60
N HIS A 68 10.97 0.29 -11.05
CA HIS A 68 9.79 0.70 -11.86
C HIS A 68 9.20 1.98 -11.30
N ARG A 69 8.18 2.50 -11.92
CA ARG A 69 7.55 3.75 -11.42
C ARG A 69 6.04 3.68 -11.64
N PHE A 70 5.28 4.47 -10.91
CA PHE A 70 3.80 4.44 -11.08
C PHE A 70 3.30 5.87 -11.30
N GLU A 71 2.83 6.16 -12.49
CA GLU A 71 2.32 7.53 -12.79
C GLU A 71 1.29 7.93 -11.73
N SER A 72 0.63 6.97 -11.14
CA SER A 72 -0.39 7.30 -10.10
C SER A 72 -0.46 6.14 -9.10
N VAL A 73 -0.85 6.41 -7.89
CA VAL A 73 -0.94 5.31 -6.89
C VAL A 73 -1.94 4.26 -7.38
N SER A 74 -2.98 4.68 -8.04
CA SER A 74 -3.96 3.69 -8.56
C SER A 74 -3.27 2.83 -9.61
N HIS A 75 -2.37 3.41 -10.35
CA HIS A 75 -1.63 2.63 -11.39
C HIS A 75 -0.73 1.61 -10.69
N LEU A 76 -0.33 1.87 -9.47
CA LEU A 76 0.54 0.90 -8.74
C LEU A 76 -0.26 -0.33 -8.35
N ILE A 77 -1.39 -0.16 -7.72
CA ILE A 77 -2.20 -1.34 -7.30
C ILE A 77 -2.71 -2.10 -8.53
N SER A 78 -2.94 -1.40 -9.62
CA SER A 78 -3.43 -2.10 -10.84
C SER A 78 -2.26 -2.73 -11.59
N TYR A 79 -1.06 -2.26 -11.38
CA TYR A 79 0.11 -2.84 -12.09
C TYR A 79 0.44 -4.20 -11.48
N HIS A 80 0.56 -4.27 -10.19
CA HIS A 80 0.89 -5.56 -9.53
C HIS A 80 -0.27 -6.53 -9.71
N MET A 81 -1.49 -6.06 -9.64
CA MET A 81 -2.66 -6.97 -9.81
C MET A 81 -2.74 -7.43 -11.27
N ASP A 82 -2.16 -6.70 -12.18
CA ASP A 82 -2.22 -7.10 -13.61
C ASP A 82 -1.33 -8.33 -13.85
N ASN A 83 -0.31 -8.50 -13.06
CA ASN A 83 0.59 -9.67 -13.26
C ASN A 83 0.82 -10.41 -11.93
N HIS A 84 0.00 -10.16 -10.93
CA HIS A 84 0.19 -10.85 -9.63
C HIS A 84 1.64 -10.71 -9.15
N LEU A 85 2.28 -9.64 -9.50
CA LEU A 85 3.70 -9.44 -9.07
C LEU A 85 3.73 -8.70 -7.73
N PRO A 86 4.81 -8.85 -7.01
CA PRO A 86 4.98 -8.22 -5.71
C PRO A 86 5.31 -6.74 -5.89
N ILE A 87 5.42 -6.02 -4.81
CA ILE A 87 5.75 -4.56 -4.91
C ILE A 87 7.20 -4.37 -4.51
N ILE A 88 7.68 -5.15 -3.59
CA ILE A 88 9.09 -5.03 -3.14
C ILE A 88 9.35 -3.64 -2.55
N SER A 89 10.34 -3.51 -1.72
CA SER A 89 10.63 -2.19 -1.11
C SER A 89 11.99 -2.23 -0.41
N ALA A 90 12.07 -2.90 0.70
CA ALA A 90 13.37 -2.97 1.43
C ALA A 90 13.60 -4.40 1.92
N GLY A 91 13.23 -5.37 1.14
CA GLY A 91 13.43 -6.79 1.55
C GLY A 91 12.08 -7.44 1.83
N SER A 92 11.04 -6.98 1.17
CA SER A 92 9.70 -7.58 1.41
C SER A 92 8.91 -7.58 0.09
N GLU A 93 8.67 -8.73 -0.47
CA GLU A 93 7.91 -8.80 -1.75
C GLU A 93 6.41 -8.80 -1.45
N LEU A 94 5.86 -7.66 -1.12
CA LEU A 94 4.40 -7.60 -0.83
C LEU A 94 3.62 -8.08 -2.05
N CYS A 95 3.11 -9.28 -2.01
CA CYS A 95 2.35 -9.81 -3.17
C CYS A 95 0.86 -9.52 -2.98
N LEU A 96 0.20 -9.09 -4.02
CA LEU A 96 -1.26 -8.79 -3.90
C LEU A 96 -2.06 -10.00 -4.40
N GLN A 97 -3.23 -10.20 -3.87
CA GLN A 97 -4.06 -11.37 -4.32
C GLN A 97 -5.53 -10.96 -4.41
N GLN A 98 -6.06 -10.33 -3.39
CA GLN A 98 -7.49 -9.92 -3.44
C GLN A 98 -7.66 -8.56 -2.74
N PRO A 99 -8.24 -7.60 -3.43
CA PRO A 99 -8.45 -6.27 -2.85
C PRO A 99 -9.62 -6.33 -1.85
N VAL A 100 -9.49 -5.69 -0.73
CA VAL A 100 -10.59 -5.71 0.27
C VAL A 100 -11.82 -4.98 -0.30
N GLU A 101 -12.28 -3.90 0.29
CA GLU A 101 -13.46 -3.20 -0.27
C GLU A 101 -13.89 -2.05 0.65
N ARG A 102 -14.00 -0.86 0.11
CA ARG A 102 -14.42 0.30 0.94
C ARG A 102 -15.32 1.23 0.11
N LYS A 103 -14.75 1.96 -0.81
CA LYS A 103 -15.57 2.88 -1.66
C LYS A 103 -16.44 3.77 -0.77
N LEU A 104 -15.86 4.76 -0.14
CA LEU A 104 -16.68 5.66 0.73
C LEU A 104 -15.77 6.65 1.45
N LEU A 105 -14.62 6.23 1.90
CA LEU A 105 -13.70 7.16 2.61
C LEU A 105 -12.95 8.02 1.58
N GLU A 106 -11.84 8.60 1.96
CA GLU A 106 -11.06 9.44 1.01
C GLU A 106 -11.89 10.69 0.67
N HIS A 107 -11.58 11.80 1.27
CA HIS A 107 -12.35 13.04 0.98
C HIS A 107 -11.43 14.26 1.15
N GLY B 1 15.73 7.77 16.32
CA GLY B 1 14.79 8.66 15.63
C GLY B 1 13.35 8.16 15.74
N HIS B 2 13.26 6.85 15.72
CA HIS B 2 13.71 6.13 14.55
C HIS B 2 12.75 6.39 13.39
N ASP B 3 11.99 5.36 13.11
CA ASP B 3 10.78 5.18 13.87
C ASP B 3 10.24 3.75 13.68
N GLY B 4 8.95 3.66 13.79
CA GLY B 4 8.23 2.87 12.81
C GLY B 4 7.95 3.69 11.55
N LEU B 5 9.01 3.89 10.82
CA LEU B 5 9.14 3.18 9.56
C LEU B 5 7.90 2.33 9.32
N GLN B 7 7.93 2.10 4.95
CA GLN B 7 9.12 1.68 4.24
C GLN B 7 9.47 2.71 3.16
N GLY B 8 9.74 2.17 1.99
CA GLY B 8 8.79 2.37 0.92
C GLY B 8 9.07 1.38 -0.22
N LEU B 9 8.07 1.23 -1.04
CA LEU B 9 8.33 0.99 -2.45
C LEU B 9 8.70 2.31 -3.14
N SER B 10 9.77 2.22 -3.89
CA SER B 10 11.05 1.93 -3.26
C SER B 10 11.76 3.23 -2.90
N THR B 11 12.54 3.12 -1.86
CA THR B 11 13.94 2.76 -2.07
C THR B 11 14.74 3.06 -0.81
N ALA B 12 15.97 3.42 -1.04
CA ALA B 12 17.01 2.41 -1.05
C ALA B 12 18.35 3.03 -0.64
N THR B 13 18.24 4.23 -0.15
CA THR B 13 19.21 5.23 -0.53
C THR B 13 18.97 6.53 0.24
N LYS B 14 19.96 6.86 1.02
CA LYS B 14 20.29 6.00 2.14
C LYS B 14 20.51 6.83 3.39
#